data_8QUK
#
_entry.id   8QUK
#
_cell.length_a   90.610
_cell.length_b   90.610
_cell.length_c   56.800
_cell.angle_alpha   90.00
_cell.angle_beta   90.00
_cell.angle_gamma   120.00
#
_symmetry.space_group_name_H-M   'P 6'
#
loop_
_entity.id
_entity.type
_entity.pdbx_description
1 polymer 'Spacer peptide 1'
2 non-polymer 1,2-ETHANEDIOL
3 non-polymer '(phenylmethyl) 3-oxidanylidenepiperazine-1-carboxylate'
4 water water
#
_entity_poly.entity_id   1
_entity_poly.type   'polypeptide(L)'
_entity_poly.pdbx_seq_one_letter_code
;PIVQNLQGQMVHQCISPRTLNAWVKVVEEKAFSPEVIPMFSALSCGATPQDLNTMLNTVGGHQAAMQMLKETINEEAAEW
DRLHPVHAGPIAPGQMREPRGSDIAGTTSTLQEQIGWMTHNPPIPVGEIYKRWIILGLNKIVRMYSPTSILDIRQGPKEP
FRDYVDRFYKTLRAEQASQEVKNAATETLLVQNANPDCKTILKALGPGATLEEMMTACQGVGGPGHKARVL
;
_entity_poly.pdbx_strand_id   A
#
# COMPACT_ATOMS: atom_id res chain seq x y z
N PRO A 1 6.97 12.32 -11.57
CA PRO A 1 7.29 12.57 -10.12
C PRO A 1 7.97 13.91 -9.97
N ILE A 2 8.12 14.33 -8.73
CA ILE A 2 8.90 15.54 -8.38
C ILE A 2 10.20 15.04 -7.72
N VAL A 3 11.31 15.59 -8.30
N VAL A 3 11.35 15.29 -8.27
CA VAL A 3 12.78 15.36 -8.07
CA VAL A 3 12.58 14.71 -7.66
C VAL A 3 13.49 16.69 -7.82
C VAL A 3 13.58 15.83 -7.60
N GLN A 4 14.72 16.61 -7.32
N GLN A 4 14.61 15.61 -6.76
CA GLN A 4 15.60 17.77 -7.10
CA GLN A 4 15.75 16.54 -6.75
C GLN A 4 16.62 17.83 -8.24
C GLN A 4 16.56 16.36 -8.02
N ASN A 5 16.81 19.04 -8.81
N ASN A 5 16.93 17.44 -8.67
CA ASN A 5 17.86 19.24 -9.82
CA ASN A 5 17.81 17.32 -9.83
C ASN A 5 19.12 19.84 -9.19
C ASN A 5 19.24 17.28 -9.26
N LEU A 6 20.05 20.28 -10.02
N LEU A 6 20.25 17.34 -10.13
CA LEU A 6 21.41 20.72 -9.55
CA LEU A 6 21.61 17.21 -9.71
C LEU A 6 21.42 22.13 -8.91
C LEU A 6 22.15 18.44 -8.97
N GLN A 7 20.37 22.91 -9.16
N GLN A 7 21.34 19.49 -8.89
CA GLN A 7 20.21 24.22 -8.52
CA GLN A 7 21.72 20.81 -8.41
C GLN A 7 19.50 24.06 -7.17
C GLN A 7 20.91 21.21 -7.16
N GLY A 8 19.31 22.81 -6.75
N GLY A 8 20.23 20.25 -6.57
CA GLY A 8 18.62 22.52 -5.52
CA GLY A 8 19.40 20.48 -5.38
C GLY A 8 17.12 22.75 -5.61
C GLY A 8 18.01 21.11 -5.48
N GLN A 9 16.55 22.46 -6.76
N GLN A 9 17.40 21.21 -6.66
CA GLN A 9 15.11 22.60 -6.95
CA GLN A 9 16.10 21.91 -6.71
C GLN A 9 14.46 21.24 -7.12
C GLN A 9 14.95 20.99 -7.18
N MET A 10 13.30 21.07 -6.50
N MET A 10 13.71 21.22 -6.71
CA MET A 10 12.44 19.98 -6.82
CA MET A 10 12.58 20.27 -6.94
C MET A 10 11.73 20.37 -8.13
C MET A 10 11.84 20.52 -8.25
N VAL A 11 11.88 19.54 -9.16
CA VAL A 11 11.37 19.74 -10.48
C VAL A 11 10.48 18.53 -10.87
N HIS A 12 9.64 18.77 -11.84
CA HIS A 12 8.88 17.62 -12.42
C HIS A 12 9.72 16.84 -13.35
N GLN A 13 9.60 15.53 -13.32
CA GLN A 13 10.19 14.61 -14.28
C GLN A 13 9.08 13.68 -14.73
N CYS A 14 9.09 13.30 -16.01
CA CYS A 14 8.14 12.35 -16.55
C CYS A 14 8.32 11.00 -15.83
N ILE A 15 7.22 10.27 -15.61
CA ILE A 15 7.25 8.88 -15.20
C ILE A 15 8.00 8.07 -16.26
N SER A 16 8.83 7.18 -15.85
CA SER A 16 9.68 6.43 -16.78
C SER A 16 8.96 5.26 -17.37
N PRO A 17 9.34 4.78 -18.58
CA PRO A 17 8.86 3.55 -19.06
C PRO A 17 9.15 2.35 -18.12
N ARG A 18 10.29 2.36 -17.47
CA ARG A 18 10.62 1.23 -16.58
C ARG A 18 9.64 1.23 -15.41
N THR A 19 9.33 2.37 -14.83
CA THR A 19 8.35 2.43 -13.74
C THR A 19 6.97 1.95 -14.22
N LEU A 20 6.52 2.47 -15.36
CA LEU A 20 5.21 2.10 -15.89
C LEU A 20 5.12 0.63 -16.08
N ASN A 21 6.13 0.01 -16.70
CA ASN A 21 6.07 -1.40 -17.01
C ASN A 21 6.20 -2.22 -15.71
N ALA A 22 7.00 -1.77 -14.76
CA ALA A 22 7.20 -2.51 -13.51
C ALA A 22 5.86 -2.66 -12.83
N TRP A 23 5.08 -1.60 -12.73
CA TRP A 23 3.79 -1.66 -12.04
C TRP A 23 2.80 -2.55 -12.73
N VAL A 24 2.67 -2.38 -14.04
CA VAL A 24 1.73 -3.23 -14.83
C VAL A 24 2.11 -4.67 -14.64
N LYS A 25 3.39 -5.00 -14.65
N LYS A 25 3.38 -5.01 -14.67
CA LYS A 25 3.84 -6.38 -14.59
CA LYS A 25 3.79 -6.40 -14.59
C LYS A 25 3.67 -7.00 -13.20
C LYS A 25 3.62 -6.96 -13.16
N VAL A 26 3.78 -6.22 -12.14
N VAL A 26 3.89 -6.16 -12.14
CA VAL A 26 3.59 -6.80 -10.81
CA VAL A 26 3.63 -6.59 -10.75
C VAL A 26 2.12 -7.04 -10.52
C VAL A 26 2.17 -7.05 -10.61
N VAL A 27 1.23 -6.21 -11.07
CA VAL A 27 -0.21 -6.52 -10.96
C VAL A 27 -0.55 -7.72 -11.77
N GLU A 28 -0.01 -7.86 -12.97
CA GLU A 28 -0.27 -9.06 -13.80
C GLU A 28 0.24 -10.34 -13.09
N GLU A 29 1.35 -10.28 -12.45
N GLU A 29 1.38 -10.30 -12.47
CA GLU A 29 2.00 -11.46 -11.90
CA GLU A 29 1.96 -11.50 -11.90
C GLU A 29 1.46 -11.77 -10.48
C GLU A 29 1.41 -11.78 -10.48
N LYS A 30 1.11 -10.80 -9.66
CA LYS A 30 0.86 -10.98 -8.21
C LYS A 30 -0.53 -10.63 -7.83
N ALA A 31 -1.28 -9.91 -8.74
CA ALA A 31 -2.63 -9.44 -8.45
C ALA A 31 -2.61 -8.67 -7.13
N PHE A 32 -3.42 -9.04 -6.12
CA PHE A 32 -3.47 -8.31 -4.85
C PHE A 32 -2.96 -9.12 -3.69
N SER A 33 -1.87 -9.85 -3.96
N SER A 33 -1.88 -9.88 -3.95
CA SER A 33 -1.05 -10.39 -2.91
CA SER A 33 -1.10 -10.44 -2.86
C SER A 33 -0.55 -9.19 -2.06
C SER A 33 -0.54 -9.24 -2.05
N PRO A 34 -0.37 -9.31 -0.71
CA PRO A 34 -0.02 -8.19 0.10
C PRO A 34 1.27 -7.45 -0.30
N GLU A 35 2.24 -8.14 -0.80
CA GLU A 35 3.52 -7.51 -1.18
C GLU A 35 3.40 -6.61 -2.39
N VAL A 36 2.27 -6.63 -3.09
N VAL A 36 2.21 -6.54 -3.02
CA VAL A 36 2.10 -5.69 -4.22
CA VAL A 36 2.02 -5.55 -4.12
C VAL A 36 2.01 -4.28 -3.67
C VAL A 36 1.94 -4.14 -3.54
N ILE A 37 1.53 -4.06 -2.45
N ILE A 37 1.40 -3.95 -2.35
CA ILE A 37 1.32 -2.73 -1.91
CA ILE A 37 1.27 -2.62 -1.78
C ILE A 37 2.57 -1.95 -1.57
C ILE A 37 2.59 -1.93 -1.56
N PRO A 38 3.57 -2.55 -0.85
CA PRO A 38 4.84 -1.86 -0.73
C PRO A 38 5.57 -1.62 -2.05
N MET A 39 5.30 -2.50 -3.02
CA MET A 39 5.82 -2.28 -4.39
C MET A 39 5.20 -1.02 -5.01
N PHE A 40 3.89 -0.90 -4.91
CA PHE A 40 3.21 0.28 -5.39
C PHE A 40 3.78 1.49 -4.76
N SER A 41 3.92 1.49 -3.42
CA SER A 41 4.43 2.66 -2.71
C SER A 41 5.81 3.06 -3.22
N ALA A 42 6.69 2.08 -3.39
CA ALA A 42 8.04 2.37 -3.84
C ALA A 42 8.13 2.81 -5.28
N LEU A 43 7.33 2.23 -6.15
CA LEU A 43 7.31 2.64 -7.57
C LEU A 43 6.75 4.03 -7.75
N SER A 44 5.92 4.47 -6.82
CA SER A 44 5.28 5.80 -6.84
C SER A 44 6.00 6.82 -5.98
N CYS A 45 7.26 6.57 -5.64
CA CYS A 45 8.02 7.56 -4.91
C CYS A 45 8.11 8.88 -5.67
N GLY A 46 7.73 9.94 -4.97
CA GLY A 46 7.71 11.30 -5.54
C GLY A 46 6.56 11.60 -6.45
N ALA A 47 5.60 10.69 -6.57
CA ALA A 47 4.50 10.81 -7.56
C ALA A 47 3.66 12.03 -7.28
N THR A 48 3.24 12.69 -8.35
CA THR A 48 2.12 13.60 -8.33
C THR A 48 0.81 12.86 -8.36
N PRO A 49 -0.32 13.51 -8.02
CA PRO A 49 -1.61 12.83 -8.26
C PRO A 49 -1.83 12.37 -9.66
N GLN A 50 -1.36 13.13 -10.65
CA GLN A 50 -1.43 12.69 -12.05
C GLN A 50 -0.69 11.40 -12.24
N ASP A 51 0.48 11.24 -11.67
CA ASP A 51 1.27 10.01 -11.81
C ASP A 51 0.58 8.81 -11.15
N LEU A 52 0.00 9.05 -9.97
CA LEU A 52 -0.71 8.00 -9.28
C LEU A 52 -1.92 7.53 -10.11
N ASN A 53 -2.67 8.44 -10.70
CA ASN A 53 -3.76 8.08 -11.61
C ASN A 53 -3.26 7.33 -12.81
N THR A 54 -2.15 7.73 -13.37
CA THR A 54 -1.59 6.98 -14.51
C THR A 54 -1.34 5.56 -14.12
N MET A 55 -0.70 5.34 -12.98
CA MET A 55 -0.37 4.00 -12.57
C MET A 55 -1.62 3.14 -12.37
N LEU A 56 -2.63 3.72 -11.69
CA LEU A 56 -3.85 2.98 -11.52
C LEU A 56 -4.65 2.74 -12.84
N ASN A 57 -4.62 3.72 -13.73
CA ASN A 57 -5.38 3.62 -14.97
C ASN A 57 -4.71 2.68 -15.95
N THR A 58 -3.39 2.43 -15.82
CA THR A 58 -2.69 1.51 -16.72
C THR A 58 -3.01 0.05 -16.44
N VAL A 59 -3.64 -0.24 -15.30
CA VAL A 59 -4.07 -1.62 -14.96
C VAL A 59 -5.27 -2.00 -15.88
N GLY A 60 -5.11 -3.07 -16.61
CA GLY A 60 -6.21 -3.60 -17.45
C GLY A 60 -7.24 -4.52 -16.77
N GLY A 61 -6.73 -5.32 -15.96
CA GLY A 61 -7.77 -6.26 -15.33
C GLY A 61 -8.33 -5.68 -14.07
N HIS A 62 -8.87 -6.57 -13.27
CA HIS A 62 -9.17 -6.26 -11.88
C HIS A 62 -10.06 -5.05 -11.73
N GLN A 63 -11.07 -4.94 -12.63
CA GLN A 63 -11.85 -3.73 -12.62
C GLN A 63 -12.86 -3.65 -11.47
N ALA A 64 -13.21 -4.79 -10.88
CA ALA A 64 -14.01 -4.75 -9.62
C ALA A 64 -13.18 -4.03 -8.55
N ALA A 65 -11.96 -4.45 -8.37
CA ALA A 65 -11.06 -3.82 -7.41
C ALA A 65 -10.85 -2.38 -7.71
N MET A 66 -10.69 -2.01 -9.00
CA MET A 66 -10.48 -0.61 -9.32
C MET A 66 -11.70 0.25 -9.01
N GLN A 67 -12.91 -0.30 -9.19
N GLN A 67 -12.91 -0.30 -9.19
CA GLN A 67 -14.09 0.44 -8.84
CA GLN A 67 -14.09 0.43 -8.81
C GLN A 67 -14.20 0.58 -7.30
C GLN A 67 -14.18 0.53 -7.28
N MET A 68 -13.90 -0.45 -6.56
N MET A 68 -13.88 -0.51 -6.55
CA MET A 68 -13.88 -0.37 -5.08
CA MET A 68 -13.81 -0.50 -5.06
C MET A 68 -12.87 0.71 -4.69
C MET A 68 -12.85 0.62 -4.64
N LEU A 69 -11.69 0.76 -5.33
CA LEU A 69 -10.68 1.74 -4.96
C LEU A 69 -11.20 3.14 -5.20
N LYS A 70 -11.90 3.36 -6.33
CA LYS A 70 -12.49 4.68 -6.56
C LYS A 70 -13.47 5.04 -5.47
N GLU A 71 -14.25 4.10 -5.00
CA GLU A 71 -15.19 4.36 -3.88
C GLU A 71 -14.47 4.77 -2.63
N THR A 72 -13.36 4.10 -2.27
CA THR A 72 -12.58 4.46 -1.10
C THR A 72 -12.01 5.85 -1.30
N ILE A 73 -11.43 6.15 -2.42
CA ILE A 73 -10.88 7.49 -2.68
C ILE A 73 -11.97 8.53 -2.50
N ASN A 74 -13.16 8.28 -2.99
CA ASN A 74 -14.26 9.28 -2.90
C ASN A 74 -14.61 9.44 -1.42
N GLU A 75 -14.62 8.43 -0.61
CA GLU A 75 -14.86 8.57 0.84
C GLU A 75 -13.83 9.43 1.47
N GLU A 76 -12.52 9.22 1.20
CA GLU A 76 -11.50 10.01 1.83
C GLU A 76 -11.54 11.41 1.29
N ALA A 77 -11.84 11.62 0.04
CA ALA A 77 -11.96 12.99 -0.48
C ALA A 77 -13.10 13.78 0.25
N ALA A 78 -14.14 13.03 0.56
CA ALA A 78 -15.35 13.73 1.19
C ALA A 78 -14.94 14.04 2.57
N GLU A 79 -14.15 13.26 3.30
CA GLU A 79 -13.66 13.59 4.62
C GLU A 79 -12.68 14.74 4.58
N TRP A 80 -11.79 14.78 3.58
CA TRP A 80 -10.94 15.96 3.43
C TRP A 80 -11.81 17.20 3.27
N ASP A 81 -12.83 17.17 2.46
CA ASP A 81 -13.66 18.38 2.18
C ASP A 81 -14.39 18.78 3.47
N ARG A 82 -14.73 17.82 4.32
CA ARG A 82 -15.36 18.16 5.65
C ARG A 82 -14.38 18.88 6.52
N LEU A 83 -13.12 18.46 6.59
CA LEU A 83 -12.08 19.01 7.42
C LEU A 83 -11.44 20.32 6.88
N HIS A 84 -11.40 20.49 5.57
CA HIS A 84 -10.68 21.53 4.90
C HIS A 84 -11.54 22.14 3.79
N PRO A 85 -12.63 22.80 4.12
CA PRO A 85 -13.44 23.45 3.09
C PRO A 85 -12.64 24.61 2.43
N VAL A 86 -12.90 24.86 1.17
CA VAL A 86 -12.16 25.91 0.42
C VAL A 86 -13.09 27.09 0.12
N HIS A 87 -12.50 28.28 -0.15
CA HIS A 87 -13.33 29.46 -0.53
C HIS A 87 -13.95 29.29 -1.91
N ALA A 88 -15.22 29.64 -2.01
CA ALA A 88 -16.00 29.56 -3.23
C ALA A 88 -16.04 30.93 -3.90
N GLY A 89 -14.88 31.55 -4.09
CA GLY A 89 -14.76 32.84 -4.77
C GLY A 89 -13.69 32.77 -5.85
N PRO A 90 -13.51 33.84 -6.65
CA PRO A 90 -12.47 33.85 -7.69
C PRO A 90 -11.06 33.80 -7.04
N ILE A 91 -10.16 33.13 -7.73
CA ILE A 91 -8.74 32.96 -7.26
C ILE A 91 -8.13 34.39 -7.21
N ALA A 92 -7.36 34.67 -6.17
CA ALA A 92 -6.48 35.85 -6.21
C ALA A 92 -5.56 35.72 -7.38
N PRO A 93 -5.46 36.78 -8.29
CA PRO A 93 -4.62 36.64 -9.48
C PRO A 93 -3.20 36.30 -9.17
N GLY A 94 -2.67 35.25 -9.88
CA GLY A 94 -1.31 34.78 -9.72
C GLY A 94 -1.07 33.87 -8.53
N GLN A 95 -2.08 33.74 -7.67
CA GLN A 95 -1.89 33.08 -6.37
C GLN A 95 -2.39 31.60 -6.45
N MET A 96 -2.00 30.86 -5.44
N MET A 96 -1.95 30.84 -5.49
CA MET A 96 -2.24 29.39 -5.27
CA MET A 96 -2.44 29.48 -5.44
C MET A 96 -3.58 29.15 -4.55
C MET A 96 -3.84 29.47 -4.89
N ARG A 97 -4.54 28.42 -5.20
CA ARG A 97 -5.88 28.10 -4.62
C ARG A 97 -5.68 26.87 -3.68
N GLU A 98 -6.53 26.69 -2.72
CA GLU A 98 -6.44 25.56 -1.78
C GLU A 98 -7.08 24.34 -2.46
N PRO A 99 -6.43 23.16 -2.31
CA PRO A 99 -6.98 21.95 -2.89
C PRO A 99 -8.24 21.36 -2.17
N ARG A 100 -9.20 20.99 -2.96
CA ARG A 100 -10.32 20.17 -2.54
C ARG A 100 -9.95 18.68 -2.68
N GLY A 101 -10.81 17.82 -2.17
CA GLY A 101 -10.48 16.38 -2.23
C GLY A 101 -10.30 15.91 -3.66
N SER A 102 -11.08 16.34 -4.62
CA SER A 102 -10.95 15.94 -6.01
C SER A 102 -9.69 16.55 -6.66
N ASP A 103 -9.14 17.64 -6.07
CA ASP A 103 -7.86 18.20 -6.54
C ASP A 103 -6.73 17.31 -6.06
N ILE A 104 -6.76 16.83 -4.85
CA ILE A 104 -5.80 15.88 -4.30
C ILE A 104 -5.83 14.61 -5.13
N ALA A 105 -6.98 14.12 -5.52
CA ALA A 105 -7.12 12.90 -6.32
C ALA A 105 -6.82 13.14 -7.79
N GLY A 106 -6.47 14.35 -8.18
CA GLY A 106 -6.07 14.66 -9.56
C GLY A 106 -7.12 14.70 -10.57
N THR A 107 -8.38 14.70 -10.20
CA THR A 107 -9.46 14.73 -11.19
C THR A 107 -9.89 16.15 -11.56
N THR A 108 -9.71 17.12 -10.64
CA THR A 108 -10.09 18.52 -10.88
C THR A 108 -8.95 19.46 -10.80
N SER A 109 -7.71 18.97 -10.68
CA SER A 109 -6.52 19.81 -10.62
C SER A 109 -5.66 19.53 -11.82
N THR A 110 -4.91 20.52 -12.31
CA THR A 110 -3.93 20.35 -13.39
C THR A 110 -2.59 19.92 -12.80
N LEU A 111 -1.73 19.41 -13.66
CA LEU A 111 -0.39 19.10 -13.27
C LEU A 111 0.34 20.32 -12.72
N GLN A 112 0.17 21.49 -13.40
CA GLN A 112 0.79 22.67 -12.91
C GLN A 112 0.35 23.03 -11.49
N GLU A 113 -0.95 22.91 -11.22
CA GLU A 113 -1.42 23.10 -9.86
C GLU A 113 -0.79 22.15 -8.83
N GLN A 114 -0.70 20.86 -9.25
CA GLN A 114 -0.13 19.86 -8.37
C GLN A 114 1.34 20.16 -8.07
N ILE A 115 2.08 20.54 -9.11
CA ILE A 115 3.50 20.97 -8.93
C ILE A 115 3.60 22.19 -7.98
N GLY A 116 2.68 23.12 -8.16
CA GLY A 116 2.66 24.31 -7.29
C GLY A 116 2.47 23.96 -5.86
N TRP A 117 1.52 23.04 -5.54
CA TRP A 117 1.30 22.63 -4.20
C TRP A 117 2.47 21.89 -3.61
N MET A 118 2.97 20.90 -4.39
CA MET A 118 4.01 20.02 -3.88
C MET A 118 5.35 20.74 -3.70
N THR A 119 5.59 21.85 -4.40
CA THR A 119 6.89 22.60 -4.37
C THR A 119 6.70 23.93 -3.65
N HIS A 120 5.54 24.17 -3.04
CA HIS A 120 5.36 25.35 -2.16
C HIS A 120 6.30 25.24 -0.99
N ASN A 121 6.62 26.41 -0.39
CA ASN A 121 7.37 26.41 0.87
C ASN A 121 6.42 26.84 1.99
N PRO A 122 5.99 25.93 2.89
CA PRO A 122 6.32 24.52 2.91
C PRO A 122 5.36 23.69 1.97
N PRO A 123 5.74 22.47 1.61
CA PRO A 123 4.85 21.71 0.64
C PRO A 123 3.41 21.51 1.15
N ILE A 124 2.45 21.54 0.24
CA ILE A 124 1.11 20.97 0.48
C ILE A 124 1.24 19.62 -0.25
N PRO A 125 1.46 18.52 0.44
CA PRO A 125 1.93 17.30 -0.12
C PRO A 125 0.80 16.48 -0.76
N VAL A 126 0.21 16.97 -1.82
CA VAL A 126 -1.00 16.35 -2.41
C VAL A 126 -0.70 14.93 -2.88
N GLY A 127 0.51 14.68 -3.43
CA GLY A 127 0.82 13.35 -3.83
C GLY A 127 0.86 12.36 -2.66
N GLU A 128 1.45 12.77 -1.55
CA GLU A 128 1.53 11.90 -0.39
C GLU A 128 0.15 11.72 0.25
N ILE A 129 -0.68 12.74 0.27
CA ILE A 129 -2.03 12.61 0.83
C ILE A 129 -2.85 11.62 -0.04
N TYR A 130 -2.79 11.80 -1.35
CA TYR A 130 -3.52 10.90 -2.23
C TYR A 130 -3.01 9.49 -2.14
N LYS A 131 -1.69 9.30 -2.05
CA LYS A 131 -1.13 7.98 -1.94
C LYS A 131 -1.63 7.27 -0.68
N ARG A 132 -1.75 8.03 0.41
N ARG A 132 -1.75 8.02 0.42
CA ARG A 132 -2.31 7.46 1.65
CA ARG A 132 -2.31 7.37 1.63
C ARG A 132 -3.73 6.94 1.41
C ARG A 132 -3.74 6.91 1.38
N TRP A 133 -4.58 7.68 0.70
CA TRP A 133 -5.94 7.23 0.37
C TRP A 133 -5.94 5.97 -0.47
N ILE A 134 -5.02 5.98 -1.49
CA ILE A 134 -4.94 4.81 -2.38
C ILE A 134 -4.53 3.56 -1.63
N ILE A 135 -3.54 3.68 -0.75
CA ILE A 135 -3.04 2.54 0.03
C ILE A 135 -4.12 2.03 0.99
N LEU A 136 -4.88 2.94 1.58
N LEU A 136 -4.88 2.93 1.61
CA LEU A 136 -6.03 2.51 2.39
CA LEU A 136 -6.05 2.48 2.40
C LEU A 136 -6.96 1.68 1.56
C LEU A 136 -6.93 1.64 1.55
N GLY A 137 -7.25 2.09 0.32
CA GLY A 137 -8.12 1.30 -0.56
C GLY A 137 -7.55 -0.01 -1.00
N LEU A 138 -6.22 -0.02 -1.31
CA LEU A 138 -5.60 -1.22 -1.70
C LEU A 138 -5.52 -2.25 -0.57
N ASN A 139 -5.37 -1.76 0.65
CA ASN A 139 -5.36 -2.73 1.78
C ASN A 139 -6.73 -3.37 1.94
N LYS A 140 -7.81 -2.63 1.66
CA LYS A 140 -9.15 -3.23 1.72
C LYS A 140 -9.25 -4.30 0.68
N ILE A 141 -8.71 -4.11 -0.55
CA ILE A 141 -8.74 -5.03 -1.65
C ILE A 141 -7.96 -6.29 -1.27
N VAL A 142 -6.76 -6.11 -0.75
CA VAL A 142 -5.95 -7.26 -0.30
C VAL A 142 -6.75 -8.12 0.67
N ARG A 143 -7.40 -7.51 1.65
N ARG A 143 -7.41 -7.50 1.64
CA ARG A 143 -8.19 -8.33 2.62
CA ARG A 143 -8.23 -8.29 2.60
C ARG A 143 -9.36 -9.00 1.91
C ARG A 143 -9.36 -8.99 1.92
N MET A 144 -10.02 -8.33 1.00
CA MET A 144 -11.14 -8.93 0.33
C MET A 144 -10.73 -10.14 -0.47
N TYR A 145 -9.61 -10.05 -1.12
CA TYR A 145 -9.09 -11.08 -1.97
C TYR A 145 -8.33 -12.23 -1.29
N SER A 146 -7.97 -12.03 -0.06
CA SER A 146 -7.37 -13.10 0.78
C SER A 146 -8.30 -14.33 0.71
N PRO A 147 -7.77 -15.45 0.30
CA PRO A 147 -8.65 -16.61 0.05
C PRO A 147 -9.04 -17.43 1.29
N THR A 148 -8.29 -17.33 2.37
CA THR A 148 -8.36 -18.39 3.45
C THR A 148 -8.27 -17.72 4.76
N SER A 149 -9.14 -18.16 5.70
CA SER A 149 -9.06 -17.77 7.08
C SER A 149 -7.85 -18.43 7.76
N ILE A 150 -7.27 -17.77 8.73
CA ILE A 150 -6.22 -18.32 9.54
C ILE A 150 -6.68 -19.61 10.24
N LEU A 151 -7.95 -19.67 10.58
CA LEU A 151 -8.49 -20.88 11.24
C LEU A 151 -8.30 -22.09 10.44
N ASP A 152 -8.17 -21.98 9.11
CA ASP A 152 -8.11 -23.08 8.20
C ASP A 152 -6.67 -23.42 7.79
N ILE A 153 -5.67 -22.73 8.40
CA ILE A 153 -4.27 -23.07 8.15
C ILE A 153 -3.80 -23.99 9.25
N ARG A 154 -3.70 -25.26 8.92
CA ARG A 154 -3.27 -26.31 9.86
C ARG A 154 -2.25 -27.18 9.22
N GLN A 155 -1.26 -27.55 10.02
CA GLN A 155 -0.13 -28.32 9.52
C GLN A 155 -0.57 -29.72 9.07
N GLY A 156 -0.18 -30.08 7.94
CA GLY A 156 -0.42 -31.46 7.47
C GLY A 156 0.40 -32.46 8.28
N PRO A 157 -0.08 -33.71 8.36
CA PRO A 157 0.74 -34.77 8.98
C PRO A 157 2.15 -35.00 8.50
N LYS A 158 2.50 -34.77 7.27
CA LYS A 158 3.85 -34.93 6.77
C LYS A 158 4.42 -33.57 6.26
N GLU A 159 3.74 -32.47 6.62
CA GLU A 159 4.16 -31.16 6.17
C GLU A 159 5.31 -30.66 7.08
N PRO A 160 6.41 -30.28 6.52
CA PRO A 160 7.50 -29.67 7.30
C PRO A 160 6.93 -28.49 8.08
N PHE A 161 7.35 -28.33 9.33
CA PHE A 161 6.84 -27.21 10.17
C PHE A 161 7.17 -25.89 9.48
N ARG A 162 8.29 -25.75 8.83
CA ARG A 162 8.59 -24.51 8.19
C ARG A 162 7.61 -24.13 7.10
N ASP A 163 7.18 -25.12 6.35
CA ASP A 163 6.23 -24.90 5.27
C ASP A 163 4.89 -24.44 5.84
N TYR A 164 4.47 -25.06 6.92
CA TYR A 164 3.25 -24.67 7.60
C TYR A 164 3.36 -23.22 8.13
N VAL A 165 4.46 -22.88 8.78
CA VAL A 165 4.64 -21.53 9.33
C VAL A 165 4.57 -20.52 8.17
N ASP A 166 5.20 -20.84 7.05
CA ASP A 166 5.11 -19.97 5.90
C ASP A 166 3.65 -19.73 5.47
N ARG A 167 2.84 -20.78 5.45
CA ARG A 167 1.45 -20.66 5.05
C ARG A 167 0.64 -19.88 6.07
N PHE A 168 1.00 -20.05 7.34
CA PHE A 168 0.32 -19.36 8.43
C PHE A 168 0.53 -17.88 8.38
N TYR A 169 1.80 -17.48 8.30
CA TYR A 169 2.13 -16.06 8.25
C TYR A 169 1.77 -15.37 6.95
N LYS A 170 1.82 -16.09 5.84
CA LYS A 170 1.29 -15.51 4.53
C LYS A 170 -0.20 -15.19 4.68
N THR A 171 -0.93 -16.12 5.33
CA THR A 171 -2.41 -15.92 5.52
C THR A 171 -2.59 -14.79 6.50
N LEU A 172 -1.92 -14.70 7.61
CA LEU A 172 -2.08 -13.61 8.55
C LEU A 172 -1.81 -12.27 7.90
N ARG A 173 -0.83 -12.21 7.02
CA ARG A 173 -0.51 -10.97 6.35
C ARG A 173 -1.64 -10.52 5.44
N ALA A 174 -2.21 -11.44 4.68
CA ALA A 174 -3.31 -11.09 3.72
C ALA A 174 -4.54 -10.74 4.49
N GLU A 175 -4.79 -11.40 5.62
CA GLU A 175 -5.98 -11.10 6.48
C GLU A 175 -5.80 -9.85 7.30
N GLN A 176 -4.65 -9.28 7.35
N GLN A 176 -4.66 -9.22 7.26
CA GLN A 176 -4.32 -7.94 7.86
CA GLN A 176 -4.34 -7.88 7.82
C GLN A 176 -4.31 -7.94 9.30
C GLN A 176 -4.27 -7.90 9.29
N ALA A 177 -3.69 -8.98 9.83
CA ALA A 177 -3.47 -9.03 11.28
C ALA A 177 -2.47 -7.94 11.67
N SER A 178 -2.63 -7.34 12.88
CA SER A 178 -1.66 -6.36 13.36
C SER A 178 -0.35 -7.09 13.72
N GLN A 179 0.73 -6.34 13.74
CA GLN A 179 2.02 -6.86 14.14
C GLN A 179 1.97 -7.46 15.59
N GLU A 180 1.15 -6.86 16.44
CA GLU A 180 0.90 -7.34 17.80
C GLU A 180 0.40 -8.77 17.76
N VAL A 181 -0.63 -9.04 16.94
CA VAL A 181 -1.22 -10.39 16.79
C VAL A 181 -0.22 -11.41 16.16
N LYS A 182 0.49 -10.96 15.13
CA LYS A 182 1.57 -11.79 14.50
C LYS A 182 2.62 -12.20 15.55
N ASN A 183 3.03 -11.23 16.37
CA ASN A 183 4.03 -11.51 17.41
C ASN A 183 3.47 -12.43 18.48
N ALA A 184 2.20 -12.22 18.91
CA ALA A 184 1.51 -13.05 19.92
C ALA A 184 1.10 -14.42 19.47
N ALA A 185 0.83 -14.60 18.16
CA ALA A 185 0.28 -15.87 17.66
C ALA A 185 1.20 -17.06 17.86
N THR A 186 2.50 -16.81 18.08
CA THR A 186 3.50 -17.83 18.23
C THR A 186 3.22 -18.73 19.44
N GLU A 187 2.70 -18.14 20.52
CA GLU A 187 2.37 -18.88 21.74
C GLU A 187 0.96 -19.51 21.70
N THR A 188 0.16 -19.27 20.66
CA THR A 188 -1.24 -19.71 20.67
C THR A 188 -1.76 -20.42 19.42
N LEU A 189 -2.31 -19.73 18.43
CA LEU A 189 -2.95 -20.40 17.31
C LEU A 189 -1.90 -21.21 16.50
N LEU A 190 -0.67 -20.66 16.36
CA LEU A 190 0.38 -21.39 15.62
C LEU A 190 0.57 -22.76 16.19
N VAL A 191 0.60 -22.92 17.55
CA VAL A 191 0.76 -24.22 18.17
C VAL A 191 -0.49 -25.10 18.05
N GLN A 192 -1.63 -24.46 18.22
CA GLN A 192 -2.86 -25.22 18.10
C GLN A 192 -3.14 -25.84 16.82
N ASN A 193 -2.70 -25.11 15.74
CA ASN A 193 -2.90 -25.55 14.39
C ASN A 193 -1.75 -26.43 13.84
N ALA A 194 -0.75 -26.69 14.69
CA ALA A 194 0.30 -27.63 14.38
C ALA A 194 -0.14 -29.10 14.37
N ASN A 195 0.61 -29.97 13.78
CA ASN A 195 0.22 -31.42 13.68
C ASN A 195 0.56 -32.05 15.09
N PRO A 196 0.01 -33.25 15.40
CA PRO A 196 0.17 -33.73 16.82
C PRO A 196 1.60 -33.88 17.30
N ASP A 197 2.48 -34.35 16.43
CA ASP A 197 3.88 -34.55 16.74
C ASP A 197 4.63 -33.24 17.05
N CYS A 198 4.39 -32.21 16.22
CA CYS A 198 4.93 -30.93 16.52
C CYS A 198 4.27 -30.28 17.74
N LYS A 199 2.95 -30.37 17.81
CA LYS A 199 2.22 -29.78 18.92
C LYS A 199 2.83 -30.25 20.28
N THR A 200 3.13 -31.55 20.34
CA THR A 200 3.75 -32.16 21.57
C THR A 200 5.06 -31.54 21.92
N ILE A 201 5.92 -31.41 20.94
CA ILE A 201 7.22 -30.78 21.08
C ILE A 201 7.07 -29.32 21.52
N LEU A 202 6.17 -28.54 20.92
CA LEU A 202 6.02 -27.10 21.19
C LEU A 202 5.40 -26.91 22.57
N LYS A 203 4.40 -27.71 22.90
CA LYS A 203 3.84 -27.79 24.28
C LYS A 203 4.93 -28.06 25.33
N ALA A 204 5.85 -28.97 25.02
CA ALA A 204 6.93 -29.31 25.93
C ALA A 204 7.92 -28.17 26.15
N LEU A 205 8.08 -27.30 25.16
CA LEU A 205 9.08 -26.20 25.22
C LEU A 205 8.89 -25.21 26.35
N GLY A 206 7.65 -25.02 26.79
CA GLY A 206 7.32 -24.01 27.80
C GLY A 206 7.00 -22.68 27.13
N PRO A 207 6.55 -21.69 27.91
CA PRO A 207 6.18 -20.42 27.31
C PRO A 207 7.40 -19.54 27.01
N GLY A 208 7.18 -18.55 26.16
CA GLY A 208 8.17 -17.53 25.78
C GLY A 208 9.17 -17.93 24.71
N ALA A 209 8.90 -19.05 24.04
CA ALA A 209 9.80 -19.51 22.98
C ALA A 209 9.75 -18.55 21.78
N THR A 210 10.90 -18.26 21.24
CA THR A 210 11.01 -17.42 20.03
C THR A 210 10.48 -18.30 18.87
N LEU A 211 10.05 -17.66 17.78
CA LEU A 211 9.68 -18.49 16.58
C LEU A 211 10.88 -19.26 16.18
N GLU A 212 12.11 -18.75 16.21
CA GLU A 212 13.32 -19.46 15.83
C GLU A 212 13.43 -20.80 16.68
N GLU A 213 13.17 -20.61 17.94
CA GLU A 213 13.27 -21.78 18.87
C GLU A 213 12.17 -22.80 18.54
N MET A 214 10.96 -22.40 18.17
CA MET A 214 9.91 -23.32 17.79
C MET A 214 10.27 -24.00 16.48
N MET A 215 10.78 -23.25 15.52
CA MET A 215 11.16 -23.83 14.22
C MET A 215 12.32 -24.81 14.35
N THR A 216 13.29 -24.49 15.22
CA THR A 216 14.38 -25.45 15.47
C THR A 216 13.89 -26.73 16.13
N ALA A 217 13.03 -26.58 17.09
CA ALA A 217 12.45 -27.72 17.82
C ALA A 217 11.72 -28.69 16.96
N CYS A 218 11.01 -28.18 15.91
CA CYS A 218 10.17 -29.05 15.03
C CYS A 218 10.85 -29.33 13.69
N GLN A 219 12.10 -28.90 13.55
CA GLN A 219 13.15 -29.33 12.56
C GLN A 219 13.56 -28.28 11.57
#